data_7HGC
#
_entry.id   7HGC
#
_cell.length_a   41.640
_cell.length_b   42.100
_cell.length_c   158.690
_cell.angle_alpha   90.00
_cell.angle_beta   90.00
_cell.angle_gamma   90.00
#
_symmetry.space_group_name_H-M   'P 21 21 21'
#
loop_
_entity.id
_entity.type
_entity.pdbx_description
1 polymer 'Hepatoma-derived growth factor-related protein 2'
2 non-polymer 'SULFATE ION'
3 non-polymer 1,2-ETHANEDIOL
4 non-polymer (1S)-1-(1-phenyl-1H-1,2,3-triazol-4-yl)ethan-1-amine
5 water water
#
_entity_poly.entity_id   1
_entity_poly.type   'polypeptide(L)'
_entity_poly.pdbx_seq_one_letter_code
;GMPHAFKPGDLVFAKMKGYPHWPARIDDIADGAVKPPPNKYPIFFFGTHETAFLGPKDLFPYDKSKDKYGKPNKRKGFNE
GLWEIQNNPHASYS
;
_entity_poly.pdbx_strand_id   A,B,C
#
loop_
_chem_comp.id
_chem_comp.type
_chem_comp.name
_chem_comp.formula
A1AJ5 non-polymer (1S)-1-(1-phenyl-1H-1,2,3-triazol-4-yl)ethan-1-amine 'C10 H12 N4'
EDO non-polymer 1,2-ETHANEDIOL 'C2 H6 O2'
SO4 non-polymer 'SULFATE ION' 'O4 S -2'
#
# COMPACT_ATOMS: atom_id res chain seq x y z
N MET A 2 -12.71 -8.61 23.66
CA MET A 2 -13.76 -7.75 23.07
C MET A 2 -13.17 -6.75 22.07
N PRO A 3 -13.93 -6.41 21.01
CA PRO A 3 -13.50 -5.46 19.97
C PRO A 3 -13.12 -4.06 20.50
N HIS A 4 -12.13 -3.45 19.85
CA HIS A 4 -11.80 -2.08 20.12
C HIS A 4 -12.37 -1.28 18.95
N ALA A 5 -12.23 0.04 18.98
CA ALA A 5 -12.48 0.79 17.77
C ALA A 5 -11.45 0.46 16.70
N PHE A 6 -11.82 0.76 15.46
CA PHE A 6 -10.92 0.60 14.34
C PHE A 6 -9.67 1.47 14.54
N LYS A 7 -8.51 0.89 14.18
CA LYS A 7 -7.28 1.67 14.24
C LYS A 7 -6.46 1.44 12.98
N PRO A 8 -5.50 2.32 12.65
CA PRO A 8 -4.66 2.11 11.47
C PRO A 8 -3.95 0.75 11.54
N GLY A 9 -3.94 0.07 10.39
CA GLY A 9 -3.34 -1.25 10.28
C GLY A 9 -4.38 -2.37 10.34
N ASP A 10 -5.55 -2.06 10.90
CA ASP A 10 -6.56 -3.12 10.85
C ASP A 10 -6.94 -3.55 9.42
N LEU A 11 -7.20 -4.86 9.25
CA LEU A 11 -7.53 -5.42 7.93
C LEU A 11 -9.04 -5.69 7.90
N VAL A 12 -9.64 -5.36 6.75
CA VAL A 12 -11.10 -5.43 6.64
C VAL A 12 -11.47 -5.88 5.24
N PHE A 13 -12.74 -6.30 5.07
CA PHE A 13 -13.38 -6.10 3.79
C PHE A 13 -14.24 -4.84 3.90
N ALA A 14 -14.10 -3.95 2.89
CA ALA A 14 -14.81 -2.67 2.96
C ALA A 14 -15.86 -2.65 1.85
N LYS A 15 -17.08 -2.16 2.18
CA LYS A 15 -18.14 -2.19 1.19
C LYS A 15 -18.40 -0.79 0.63
N MET A 16 -18.47 -0.75 -0.71
CA MET A 16 -18.81 0.45 -1.48
C MET A 16 -20.01 0.04 -2.32
N LYS A 17 -20.94 0.97 -2.52
CA LYS A 17 -22.11 0.73 -3.36
C LYS A 17 -21.66 0.21 -4.71
N GLY A 18 -22.29 -0.88 -5.18
CA GLY A 18 -22.03 -1.33 -6.54
C GLY A 18 -20.75 -2.14 -6.65
N TYR A 19 -20.04 -2.31 -5.52
CA TYR A 19 -18.87 -3.15 -5.58
C TYR A 19 -19.00 -4.26 -4.55
N PRO A 20 -18.31 -5.40 -4.79
CA PRO A 20 -18.30 -6.50 -3.82
C PRO A 20 -17.50 -6.04 -2.58
N HIS A 21 -17.73 -6.71 -1.47
CA HIS A 21 -16.95 -6.44 -0.25
C HIS A 21 -15.47 -6.64 -0.61
N TRP A 22 -14.60 -5.65 -0.30
CA TRP A 22 -13.32 -5.54 -1.01
C TRP A 22 -12.19 -5.62 0.01
N PRO A 23 -11.14 -6.44 -0.20
CA PRO A 23 -10.04 -6.48 0.77
C PRO A 23 -9.37 -5.10 0.91
N ALA A 24 -9.17 -4.67 2.15
CA ALA A 24 -8.71 -3.30 2.39
C ALA A 24 -8.08 -3.20 3.79
N ARG A 25 -7.44 -2.04 4.04
CA ARG A 25 -6.95 -1.77 5.37
C ARG A 25 -7.34 -0.37 5.84
N ILE A 26 -7.33 -0.18 7.15
CA ILE A 26 -7.38 1.20 7.70
C ILE A 26 -6.00 1.80 7.57
N ASP A 27 -5.91 2.91 6.84
CA ASP A 27 -4.64 3.61 6.67
C ASP A 27 -4.38 4.60 7.80
N ASP A 28 -3.09 4.95 7.91
CA ASP A 28 -2.66 6.09 8.69
C ASP A 28 -2.89 7.33 7.81
N ILE A 29 -2.84 8.48 8.46
CA ILE A 29 -2.85 9.75 7.73
C ILE A 29 -1.47 10.34 8.02
N ALA A 30 -0.69 10.52 6.96
CA ALA A 30 0.66 11.07 7.05
C ALA A 30 0.53 12.54 7.46
N ASP A 31 1.54 13.03 8.19
CA ASP A 31 1.68 14.46 8.38
C ASP A 31 1.46 15.16 7.04
N GLY A 32 0.67 16.25 7.05
CA GLY A 32 0.47 17.07 5.86
C GLY A 32 -0.57 16.51 4.88
N ALA A 33 -1.04 15.29 5.14
CA ALA A 33 -2.03 14.65 4.28
C ALA A 33 -3.45 15.11 4.60
N VAL A 34 -4.32 14.97 3.58
CA VAL A 34 -5.74 15.28 3.72
C VAL A 34 -6.40 14.34 4.72
N LYS A 35 -7.07 14.90 5.73
CA LYS A 35 -7.81 14.19 6.78
C LYS A 35 -9.18 13.76 6.28
N PRO A 36 -9.73 12.65 6.81
CA PRO A 36 -11.08 12.22 6.42
C PRO A 36 -12.09 13.12 7.13
N PRO A 37 -13.37 13.08 6.71
CA PRO A 37 -14.44 13.73 7.47
C PRO A 37 -14.58 13.13 8.87
N PRO A 38 -15.24 13.80 9.84
CA PRO A 38 -15.53 13.18 11.13
C PRO A 38 -16.25 11.84 10.97
N ASN A 39 -15.92 10.91 11.88
CA ASN A 39 -16.47 9.56 11.97
C ASN A 39 -16.14 8.72 10.75
N LYS A 40 -15.21 9.17 9.88
CA LYS A 40 -14.83 8.41 8.69
C LYS A 40 -13.35 8.03 8.86
N TYR A 41 -13.01 6.88 8.29
CA TYR A 41 -11.63 6.36 8.27
C TYR A 41 -11.10 6.39 6.86
N PRO A 42 -9.76 6.55 6.68
CA PRO A 42 -9.18 6.40 5.35
C PRO A 42 -8.96 4.91 5.03
N ILE A 43 -9.62 4.46 3.98
CA ILE A 43 -9.57 3.04 3.63
C ILE A 43 -8.71 2.90 2.39
N PHE A 44 -7.66 2.05 2.51
CA PHE A 44 -6.90 1.71 1.34
C PHE A 44 -7.38 0.36 0.83
N PHE A 45 -7.75 0.35 -0.44
CA PHE A 45 -8.26 -0.86 -1.05
C PHE A 45 -7.10 -1.57 -1.73
N PHE A 46 -6.94 -2.84 -1.34
CA PHE A 46 -5.85 -3.60 -1.95
C PHE A 46 -6.20 -3.90 -3.42
N GLY A 47 -5.13 -4.11 -4.20
CA GLY A 47 -5.30 -4.45 -5.60
C GLY A 47 -5.52 -3.17 -6.43
N THR A 48 -6.60 -2.41 -6.18
CA THR A 48 -6.76 -1.16 -6.93
C THR A 48 -5.81 -0.08 -6.43
N HIS A 49 -5.46 -0.16 -5.13
CA HIS A 49 -4.64 0.82 -4.45
C HIS A 49 -5.31 2.19 -4.41
N GLU A 50 -6.64 2.22 -4.41
CA GLU A 50 -7.40 3.45 -4.27
C GLU A 50 -7.79 3.69 -2.80
N THR A 51 -8.12 4.95 -2.48
CA THR A 51 -8.46 5.31 -1.11
C THR A 51 -9.88 5.86 -1.15
N ALA A 52 -10.73 5.46 -0.19
CA ALA A 52 -11.99 6.17 0.03
C ALA A 52 -12.16 6.36 1.52
N PHE A 53 -13.14 7.19 1.92
CA PHE A 53 -13.40 7.41 3.34
C PHE A 53 -14.70 6.72 3.67
N LEU A 54 -14.65 5.85 4.69
CA LEU A 54 -15.83 5.06 5.01
C LEU A 54 -16.02 5.03 6.51
N GLY A 55 -17.29 4.81 6.93
CA GLY A 55 -17.48 4.61 8.35
C GLY A 55 -17.64 3.12 8.69
N PRO A 56 -17.66 2.80 9.98
CA PRO A 56 -17.70 1.41 10.44
C PRO A 56 -18.82 0.54 9.88
N LYS A 57 -19.96 1.16 9.53
CA LYS A 57 -21.04 0.34 8.96
C LYS A 57 -20.62 -0.44 7.68
N ASP A 58 -19.57 0.04 6.96
CA ASP A 58 -19.12 -0.52 5.73
C ASP A 58 -17.82 -1.31 5.96
N LEU A 59 -17.42 -1.52 7.21
CA LEU A 59 -16.13 -2.16 7.53
C LEU A 59 -16.33 -3.51 8.24
N PHE A 60 -15.84 -4.58 7.61
CA PHE A 60 -16.04 -5.95 8.13
C PHE A 60 -14.67 -6.51 8.50
N PRO A 61 -14.39 -6.80 9.77
CA PRO A 61 -13.04 -7.29 10.12
C PRO A 61 -12.67 -8.49 9.26
N TYR A 62 -11.41 -8.55 8.77
CA TYR A 62 -11.02 -9.54 7.77
C TYR A 62 -11.04 -10.98 8.32
N ASP A 63 -10.58 -11.17 9.58
CA ASP A 63 -10.48 -12.54 10.11
C ASP A 63 -11.86 -13.19 10.17
N LYS A 64 -12.82 -12.43 10.74
CA LYS A 64 -14.21 -12.92 10.85
C LYS A 64 -14.82 -13.19 9.47
N SER A 65 -14.50 -12.37 8.45
CA SER A 65 -15.26 -12.26 7.22
C SER A 65 -14.64 -12.97 6.01
N LYS A 66 -13.41 -13.48 6.14
CA LYS A 66 -12.69 -13.93 4.95
C LYS A 66 -13.30 -15.18 4.32
N ASP A 67 -13.90 -16.05 5.14
N ASP A 67 -13.88 -16.05 5.16
CA ASP A 67 -14.50 -17.26 4.58
CA ASP A 67 -14.55 -17.24 4.64
C ASP A 67 -15.67 -16.88 3.67
C ASP A 67 -15.58 -16.81 3.60
N LYS A 68 -16.36 -15.78 3.98
CA LYS A 68 -17.49 -15.35 3.16
C LYS A 68 -17.05 -14.52 1.98
N TYR A 69 -16.11 -13.59 2.18
CA TYR A 69 -15.84 -12.54 1.20
C TYR A 69 -14.54 -12.76 0.44
N GLY A 70 -13.72 -13.67 0.94
CA GLY A 70 -12.34 -13.83 0.43
C GLY A 70 -12.26 -14.89 -0.68
N LYS A 71 -13.03 -14.66 -1.74
CA LYS A 71 -13.10 -15.56 -2.89
C LYS A 71 -12.86 -14.75 -4.16
N PRO A 72 -12.26 -15.36 -5.21
CA PRO A 72 -12.00 -14.59 -6.44
C PRO A 72 -13.22 -13.93 -7.05
N ASN A 73 -12.97 -12.81 -7.71
CA ASN A 73 -14.00 -11.99 -8.31
C ASN A 73 -13.41 -11.48 -9.62
N LYS A 74 -14.28 -11.30 -10.59
CA LYS A 74 -13.89 -10.84 -11.92
C LYS A 74 -13.47 -9.37 -11.91
N ARG A 75 -13.81 -8.61 -10.85
CA ARG A 75 -13.61 -7.18 -10.91
C ARG A 75 -12.13 -6.84 -10.92
N LYS A 76 -11.79 -5.77 -11.66
CA LYS A 76 -10.42 -5.31 -11.86
C LYS A 76 -9.75 -5.11 -10.51
N GLY A 77 -8.66 -5.86 -10.28
CA GLY A 77 -7.82 -5.57 -9.14
C GLY A 77 -8.19 -6.45 -7.95
N PHE A 78 -9.35 -7.11 -7.98
CA PHE A 78 -9.81 -7.84 -6.81
C PHE A 78 -8.84 -8.96 -6.41
N ASN A 79 -8.48 -9.82 -7.36
CA ASN A 79 -7.66 -10.98 -7.02
C ASN A 79 -6.24 -10.57 -6.60
N GLU A 80 -5.70 -9.51 -7.21
CA GLU A 80 -4.44 -8.94 -6.73
C GLU A 80 -4.65 -8.52 -5.27
N GLY A 81 -5.83 -7.92 -5.00
CA GLY A 81 -6.06 -7.44 -3.65
C GLY A 81 -6.14 -8.59 -2.63
N LEU A 82 -6.72 -9.74 -3.02
CA LEU A 82 -6.74 -10.87 -2.13
C LEU A 82 -5.32 -11.37 -1.81
N TRP A 83 -4.40 -11.27 -2.80
CA TRP A 83 -3.04 -11.71 -2.53
C TRP A 83 -2.41 -10.75 -1.53
N GLU A 84 -2.64 -9.46 -1.72
CA GLU A 84 -1.96 -8.47 -0.92
C GLU A 84 -2.41 -8.59 0.53
N ILE A 85 -3.75 -8.74 0.75
CA ILE A 85 -4.19 -8.72 2.15
C ILE A 85 -3.70 -9.97 2.91
N GLN A 86 -3.57 -11.10 2.18
CA GLN A 86 -3.07 -12.34 2.80
C GLN A 86 -1.55 -12.38 2.99
N ASN A 87 -0.82 -11.79 2.03
CA ASN A 87 0.62 -12.02 1.94
C ASN A 87 1.48 -10.83 2.31
N ASN A 88 0.99 -9.57 2.17
CA ASN A 88 1.82 -8.46 2.59
C ASN A 88 0.88 -7.27 2.83
N PRO A 89 0.03 -7.38 3.86
CA PRO A 89 -1.03 -6.38 4.04
C PRO A 89 -0.50 -5.06 4.58
N HIS A 90 0.75 -5.02 5.09
CA HIS A 90 1.26 -3.79 5.73
C HIS A 90 2.37 -3.11 4.91
N ALA A 91 2.53 -3.53 3.65
CA ALA A 91 3.57 -2.97 2.78
C ALA A 91 3.18 -1.60 2.25
N SER A 92 4.17 -0.85 1.76
CA SER A 92 3.94 0.32 0.96
C SER A 92 3.59 -0.09 -0.47
N TYR A 93 2.42 0.36 -0.95
CA TYR A 93 1.93 0.13 -2.29
C TYR A 93 1.90 1.42 -3.10
N SER A 94 2.47 2.49 -2.56
CA SER A 94 2.73 3.74 -3.28
C SER A 94 3.73 3.49 -4.42
N MET B 2 28.28 34.11 10.15
CA MET B 2 27.92 35.27 9.29
C MET B 2 26.39 35.36 9.23
N PRO B 3 25.77 36.50 9.64
CA PRO B 3 24.31 36.65 9.59
C PRO B 3 23.84 36.51 8.15
N HIS B 4 22.63 35.94 7.98
CA HIS B 4 22.08 35.70 6.65
C HIS B 4 20.77 36.46 6.50
N ALA B 5 20.21 36.50 5.27
CA ALA B 5 18.93 37.15 5.08
C ALA B 5 17.96 36.65 6.15
N PHE B 6 17.90 35.32 6.27
CA PHE B 6 17.13 34.68 7.33
C PHE B 6 18.06 34.17 8.44
N LYS B 7 17.60 34.37 9.67
CA LYS B 7 18.36 33.99 10.85
C LYS B 7 17.54 32.95 11.65
N PRO B 8 18.21 32.06 12.43
CA PRO B 8 17.51 31.17 13.36
C PRO B 8 16.47 31.88 14.20
N GLY B 9 15.27 31.26 14.29
CA GLY B 9 14.12 31.78 14.98
C GLY B 9 13.20 32.66 14.14
N ASP B 10 13.61 32.99 12.90
CA ASP B 10 12.72 33.69 11.98
C ASP B 10 11.52 32.79 11.66
N LEU B 11 10.35 33.41 11.67
CA LEU B 11 9.12 32.64 11.45
C LEU B 11 8.73 32.83 9.99
N VAL B 12 8.20 31.77 9.34
CA VAL B 12 7.90 31.86 7.90
C VAL B 12 6.70 30.96 7.62
N PHE B 13 6.17 31.06 6.39
CA PHE B 13 5.50 29.94 5.77
C PHE B 13 6.48 29.35 4.77
N ALA B 14 6.58 28.02 4.78
CA ALA B 14 7.52 27.33 3.92
C ALA B 14 6.77 26.44 2.93
N LYS B 15 7.18 26.47 1.68
CA LYS B 15 6.43 25.77 0.64
C LYS B 15 7.17 24.53 0.17
N MET B 16 6.46 23.39 0.27
CA MET B 16 6.94 22.12 -0.26
C MET B 16 6.00 21.67 -1.37
N LYS B 17 6.56 21.03 -2.40
CA LYS B 17 5.70 20.45 -3.42
C LYS B 17 4.70 19.48 -2.79
N GLY B 18 3.41 19.65 -3.13
CA GLY B 18 2.35 18.78 -2.65
C GLY B 18 1.62 19.27 -1.40
N TYR B 19 2.10 20.39 -0.82
CA TYR B 19 1.53 20.87 0.44
C TYR B 19 1.28 22.37 0.36
N PRO B 20 0.31 22.89 1.14
CA PRO B 20 0.11 24.34 1.19
C PRO B 20 1.27 25.03 1.92
N HIS B 21 1.51 26.31 1.60
CA HIS B 21 2.45 27.12 2.40
C HIS B 21 2.27 26.85 3.91
N TRP B 22 3.34 26.48 4.60
CA TRP B 22 3.15 25.80 5.88
C TRP B 22 3.84 26.59 6.99
N PRO B 23 3.20 26.81 8.17
CA PRO B 23 3.84 27.58 9.25
C PRO B 23 5.11 26.89 9.70
N ALA B 24 6.22 27.63 9.77
CA ALA B 24 7.49 27.00 10.00
C ALA B 24 8.44 28.04 10.60
N ARG B 25 9.61 27.55 10.99
CA ARG B 25 10.68 28.41 11.50
C ARG B 25 12.02 27.98 10.92
N ILE B 26 12.96 28.93 10.85
CA ILE B 26 14.36 28.61 10.59
C ILE B 26 14.93 28.11 11.91
N ASP B 27 15.58 26.96 11.83
CA ASP B 27 16.26 26.32 12.95
C ASP B 27 17.74 26.69 12.92
N ASP B 28 18.44 26.35 14.01
N ASP B 28 18.46 26.36 14.01
CA ASP B 28 19.86 26.65 14.18
CA ASP B 28 19.90 26.54 14.08
C ASP B 28 20.72 25.74 13.30
C ASP B 28 20.63 25.40 13.37
N VAL B 34 25.10 17.74 10.00
CA VAL B 34 24.73 17.69 8.56
C VAL B 34 24.23 19.08 8.16
N LYS B 35 25.16 19.92 7.70
CA LYS B 35 24.84 21.32 7.39
C LYS B 35 23.89 21.38 6.19
N PRO B 36 23.06 22.45 6.05
CA PRO B 36 22.22 22.60 4.87
C PRO B 36 23.07 22.58 3.61
N PRO B 37 22.54 22.17 2.44
CA PRO B 37 23.24 22.42 1.18
C PRO B 37 23.43 23.92 1.01
N PRO B 38 24.31 24.34 0.06
CA PRO B 38 24.48 25.75 -0.30
C PRO B 38 23.16 26.50 -0.51
N ASN B 39 23.03 27.69 0.08
CA ASN B 39 21.91 28.59 -0.22
C ASN B 39 20.61 28.19 0.50
N LYS B 40 20.61 27.08 1.23
CA LYS B 40 19.40 26.60 1.88
C LYS B 40 19.46 26.76 3.40
N TYR B 41 18.30 26.62 4.06
CA TYR B 41 18.17 26.77 5.49
C TYR B 41 17.53 25.52 6.07
N PRO B 42 17.86 25.16 7.33
CA PRO B 42 17.11 24.09 8.01
C PRO B 42 15.76 24.64 8.45
N ILE B 43 14.67 23.99 8.00
CA ILE B 43 13.31 24.38 8.32
C ILE B 43 12.65 23.36 9.26
N PHE B 44 11.96 23.87 10.28
CA PHE B 44 11.06 23.07 11.11
C PHE B 44 9.62 23.47 10.79
N PHE B 45 8.77 22.46 10.52
CA PHE B 45 7.39 22.69 10.19
C PHE B 45 6.56 22.48 11.44
N PHE B 46 5.87 23.55 11.85
CA PHE B 46 5.07 23.46 13.06
C PHE B 46 3.90 22.47 12.84
N GLY B 47 3.47 21.85 13.93
CA GLY B 47 2.36 20.90 13.85
C GLY B 47 2.81 19.48 13.53
N THR B 48 3.78 19.30 12.65
CA THR B 48 4.20 18.01 12.13
C THR B 48 5.49 17.60 12.81
N HIS B 49 6.15 18.65 13.26
CA HIS B 49 7.54 18.63 13.69
C HIS B 49 8.48 17.99 12.65
N GLU B 50 8.12 17.98 11.34
CA GLU B 50 9.02 17.51 10.30
C GLU B 50 10.03 18.59 9.92
N THR B 51 11.10 18.18 9.23
CA THR B 51 12.19 19.08 8.87
C THR B 51 12.57 18.89 7.40
N ALA B 52 13.16 19.93 6.79
CA ALA B 52 13.67 19.84 5.43
C ALA B 52 14.64 21.01 5.23
N PHE B 53 15.41 20.94 4.14
CA PHE B 53 16.23 22.08 3.77
C PHE B 53 15.55 22.79 2.60
N LEU B 54 15.33 24.11 2.72
CA LEU B 54 14.69 24.88 1.67
C LEU B 54 15.51 26.12 1.37
N GLY B 55 15.38 26.59 0.13
CA GLY B 55 15.97 27.85 -0.32
C GLY B 55 14.97 29.00 -0.18
N PRO B 56 15.44 30.26 -0.21
CA PRO B 56 14.57 31.41 -0.04
C PRO B 56 13.35 31.52 -0.93
N LYS B 57 13.37 30.93 -2.15
CA LYS B 57 12.24 31.08 -3.04
C LYS B 57 10.99 30.45 -2.43
N ASP B 58 11.21 29.53 -1.45
CA ASP B 58 10.14 28.76 -0.84
C ASP B 58 9.87 29.24 0.60
N LEU B 59 10.48 30.36 0.98
CA LEU B 59 10.38 30.89 2.33
C LEU B 59 9.76 32.28 2.35
N PHE B 60 8.64 32.40 3.02
CA PHE B 60 7.80 33.60 3.01
C PHE B 60 7.77 34.14 4.44
N PRO B 61 8.37 35.31 4.73
CA PRO B 61 8.28 35.88 6.08
C PRO B 61 6.86 35.92 6.67
N TYR B 62 6.72 35.48 7.95
CA TYR B 62 5.43 35.13 8.48
C TYR B 62 4.57 36.37 8.66
N ASP B 63 5.22 37.47 9.15
CA ASP B 63 4.47 38.71 9.36
C ASP B 63 3.83 39.23 8.06
N LYS B 64 4.64 39.30 7.01
CA LYS B 64 4.19 39.77 5.71
C LYS B 64 3.07 38.86 5.15
N SER B 65 3.21 37.54 5.38
CA SER B 65 2.38 36.61 4.59
C SER B 65 1.24 35.93 5.38
N LYS B 66 1.04 36.28 6.66
CA LYS B 66 0.10 35.52 7.48
C LYS B 66 -1.38 35.70 7.10
N ASP B 67 -1.79 36.84 6.54
CA ASP B 67 -3.21 36.88 6.26
C ASP B 67 -3.50 36.18 4.93
N LYS B 68 -2.46 35.99 4.11
CA LYS B 68 -2.60 35.23 2.88
C LYS B 68 -2.55 33.73 3.14
N TYR B 69 -1.58 33.26 3.93
CA TYR B 69 -1.31 31.82 4.05
C TYR B 69 -1.80 31.22 5.36
N GLY B 70 -2.18 32.07 6.34
CA GLY B 70 -2.36 31.56 7.70
C GLY B 70 -3.80 31.14 7.99
N LYS B 71 -4.46 30.53 7.00
CA LYS B 71 -5.86 30.14 7.13
C LYS B 71 -5.90 28.66 7.44
N PRO B 72 -6.82 28.19 8.33
CA PRO B 72 -6.96 26.76 8.55
C PRO B 72 -7.36 25.99 7.29
N ASN B 73 -6.95 24.71 7.26
CA ASN B 73 -7.31 23.80 6.18
C ASN B 73 -7.44 22.40 6.79
N LYS B 74 -7.57 21.38 5.95
CA LYS B 74 -7.78 20.03 6.45
C LYS B 74 -6.56 19.11 6.26
N ARG B 75 -5.37 19.68 6.09
CA ARG B 75 -4.15 18.89 6.13
C ARG B 75 -3.78 18.61 7.59
N LYS B 76 -3.42 17.33 7.87
CA LYS B 76 -3.05 16.92 9.21
C LYS B 76 -1.84 17.71 9.70
N GLY B 77 -2.04 18.33 10.88
CA GLY B 77 -0.98 19.04 11.58
C GLY B 77 -1.03 20.55 11.26
N PHE B 78 -1.81 20.96 10.27
CA PHE B 78 -1.80 22.37 9.87
C PHE B 78 -2.35 23.30 10.95
N ASN B 79 -3.55 23.04 11.50
CA ASN B 79 -4.13 23.91 12.51
C ASN B 79 -3.27 23.89 13.79
N GLU B 80 -2.71 22.73 14.15
CA GLU B 80 -1.82 22.68 15.30
C GLU B 80 -0.63 23.58 15.02
N GLY B 81 -0.15 23.52 13.76
CA GLY B 81 1.02 24.31 13.34
C GLY B 81 0.70 25.80 13.44
N LEU B 82 -0.53 26.18 13.11
CA LEU B 82 -0.90 27.58 13.22
C LEU B 82 -0.92 27.99 14.69
N TRP B 83 -1.36 27.09 15.57
CA TRP B 83 -1.38 27.36 17.01
C TRP B 83 0.04 27.58 17.52
N GLU B 84 0.98 26.73 17.09
CA GLU B 84 2.35 26.79 17.58
C GLU B 84 3.07 28.07 17.13
N ILE B 85 2.89 28.45 15.86
CA ILE B 85 3.66 29.60 15.37
C ILE B 85 3.16 30.87 16.09
N GLN B 86 1.89 30.88 16.47
CA GLN B 86 1.26 32.01 17.12
C GLN B 86 1.62 32.03 18.61
N ASN B 87 1.59 30.86 19.28
CA ASN B 87 1.58 30.86 20.75
C ASN B 87 2.90 30.41 21.35
N ASN B 88 3.74 29.67 20.63
CA ASN B 88 4.99 29.25 21.23
C ASN B 88 5.96 28.84 20.13
N PRO B 89 6.30 29.81 19.25
CA PRO B 89 7.13 29.51 18.09
C PRO B 89 8.56 29.05 18.35
N HIS B 90 9.07 29.38 19.57
CA HIS B 90 10.47 29.12 19.87
C HIS B 90 10.69 27.94 20.83
N ALA B 91 9.63 27.16 21.09
CA ALA B 91 9.73 26.01 21.98
C ALA B 91 10.49 24.84 21.37
N SER B 92 10.95 23.92 22.25
CA SER B 92 11.43 22.61 21.87
C SER B 92 10.22 21.73 21.58
N TYR B 93 10.19 21.18 20.35
CA TYR B 93 9.19 20.25 19.86
C TYR B 93 9.87 18.92 19.59
N SER B 94 11.01 18.69 20.25
CA SER B 94 11.81 17.49 20.09
C SER B 94 10.96 16.24 20.39
N HIS C 4 15.17 -33.00 -8.41
CA HIS C 4 13.94 -33.16 -7.59
C HIS C 4 13.14 -34.35 -8.14
N ALA C 5 11.88 -34.50 -7.70
CA ALA C 5 10.94 -35.46 -8.26
C ALA C 5 9.51 -35.06 -7.90
N PHE C 6 8.56 -35.45 -8.76
CA PHE C 6 7.22 -34.87 -8.72
C PHE C 6 6.19 -35.97 -8.87
N LYS C 7 5.35 -36.14 -7.85
CA LYS C 7 4.23 -37.07 -7.93
C LYS C 7 3.01 -36.24 -8.28
N PRO C 8 1.90 -36.82 -8.79
CA PRO C 8 0.66 -36.07 -9.01
C PRO C 8 0.24 -35.35 -7.74
N GLY C 9 -0.23 -34.10 -7.88
CA GLY C 9 -0.76 -33.35 -6.76
C GLY C 9 0.21 -32.30 -6.22
N ASP C 10 1.53 -32.51 -6.44
CA ASP C 10 2.62 -31.62 -6.05
C ASP C 10 2.43 -30.22 -6.63
N LEU C 11 2.70 -29.22 -5.77
CA LEU C 11 2.40 -27.84 -6.12
C LEU C 11 3.69 -27.21 -6.60
N VAL C 12 3.63 -26.44 -7.72
CA VAL C 12 4.83 -25.91 -8.33
C VAL C 12 4.52 -24.53 -8.96
N PHE C 13 5.60 -23.83 -9.35
CA PHE C 13 5.61 -22.82 -10.42
C PHE C 13 6.18 -23.46 -11.68
N ALA C 14 5.46 -23.29 -12.80
CA ALA C 14 5.77 -23.92 -14.07
C ALA C 14 6.11 -22.84 -15.08
N LYS C 15 7.26 -22.99 -15.74
CA LYS C 15 7.68 -21.97 -16.70
C LYS C 15 7.54 -22.47 -18.13
N MET C 16 6.76 -21.73 -18.94
CA MET C 16 6.66 -21.92 -20.39
C MET C 16 7.21 -20.67 -21.08
N LYS C 17 7.83 -20.86 -22.25
CA LYS C 17 8.22 -19.72 -23.07
C LYS C 17 7.00 -18.85 -23.33
N GLY C 18 7.21 -17.54 -23.12
CA GLY C 18 6.18 -16.57 -23.43
C GLY C 18 5.36 -16.20 -22.18
N TYR C 19 5.66 -16.78 -21.02
CA TYR C 19 4.78 -16.62 -19.85
C TYR C 19 5.60 -16.55 -18.58
N PRO C 20 5.16 -15.82 -17.53
CA PRO C 20 5.89 -15.80 -16.27
C PRO C 20 5.76 -17.15 -15.57
N HIS C 21 6.64 -17.35 -14.58
CA HIS C 21 6.53 -18.55 -13.77
C HIS C 21 5.13 -18.65 -13.17
N TRP C 22 4.46 -19.78 -13.39
CA TRP C 22 3.00 -19.80 -13.23
C TRP C 22 2.60 -20.78 -12.13
N PRO C 23 1.67 -20.43 -11.20
CA PRO C 23 1.25 -21.38 -10.17
C PRO C 23 0.53 -22.57 -10.82
N ALA C 24 0.95 -23.77 -10.45
CA ALA C 24 0.45 -24.98 -11.09
C ALA C 24 0.53 -26.17 -10.14
N ARG C 25 0.07 -27.32 -10.66
CA ARG C 25 0.41 -28.56 -9.99
C ARG C 25 0.69 -29.65 -11.05
N ILE C 26 1.35 -30.69 -10.58
CA ILE C 26 1.55 -31.93 -11.32
C ILE C 26 0.24 -32.72 -11.30
N ASP C 27 -0.26 -33.04 -12.49
CA ASP C 27 -1.39 -33.94 -12.66
C ASP C 27 -0.96 -35.40 -12.55
N ASP C 31 -4.43 -44.03 -16.80
CA ASP C 31 -4.14 -45.17 -17.71
C ASP C 31 -5.12 -45.18 -18.89
N GLY C 32 -4.56 -45.33 -20.08
CA GLY C 32 -5.36 -45.37 -21.30
C GLY C 32 -5.25 -44.07 -22.08
N ALA C 33 -4.73 -43.02 -21.42
CA ALA C 33 -4.52 -41.73 -22.03
C ALA C 33 -3.28 -41.76 -22.92
N VAL C 34 -3.07 -40.68 -23.69
CA VAL C 34 -1.83 -40.53 -24.43
C VAL C 34 -0.76 -40.02 -23.47
N LYS C 35 0.37 -40.73 -23.48
CA LYS C 35 1.44 -40.57 -22.51
C LYS C 35 2.18 -39.26 -22.81
N PRO C 36 2.85 -38.67 -21.80
CA PRO C 36 3.64 -37.47 -22.05
C PRO C 36 4.68 -37.78 -23.13
N PRO C 37 5.28 -36.76 -23.78
CA PRO C 37 6.57 -36.98 -24.44
C PRO C 37 7.51 -37.49 -23.37
N PRO C 38 8.64 -38.13 -23.78
CA PRO C 38 9.65 -38.59 -22.83
C PRO C 38 10.13 -37.51 -21.87
N ASN C 39 10.10 -37.85 -20.56
CA ASN C 39 10.68 -37.07 -19.48
C ASN C 39 9.87 -35.78 -19.31
N LYS C 40 8.57 -35.80 -19.66
CA LYS C 40 7.72 -34.64 -19.39
C LYS C 40 6.60 -35.00 -18.42
N TYR C 41 6.20 -34.01 -17.60
CA TYR C 41 5.12 -34.19 -16.65
C TYR C 41 3.88 -33.46 -17.17
N PRO C 42 2.67 -33.98 -16.83
CA PRO C 42 1.42 -33.27 -17.13
C PRO C 42 1.24 -32.21 -16.06
N ILE C 43 1.04 -30.98 -16.52
CA ILE C 43 0.90 -29.85 -15.60
C ILE C 43 -0.49 -29.27 -15.75
N PHE C 44 -1.06 -28.87 -14.60
CA PHE C 44 -2.31 -28.11 -14.63
C PHE C 44 -2.04 -26.72 -14.08
N PHE C 45 -2.47 -25.71 -14.83
CA PHE C 45 -2.17 -24.31 -14.51
C PHE C 45 -3.32 -23.74 -13.70
N PHE C 46 -3.01 -23.26 -12.49
CA PHE C 46 -4.08 -22.56 -11.78
C PHE C 46 -4.52 -21.27 -12.47
N GLY C 47 -5.78 -20.87 -12.21
CA GLY C 47 -6.25 -19.61 -12.76
C GLY C 47 -6.76 -19.76 -14.19
N THR C 48 -5.88 -20.16 -15.13
CA THR C 48 -6.35 -20.43 -16.48
C THR C 48 -6.97 -21.82 -16.55
N HIS C 49 -6.57 -22.74 -15.66
CA HIS C 49 -7.01 -24.13 -15.66
C HIS C 49 -6.71 -24.82 -16.99
N GLU C 50 -5.62 -24.42 -17.65
CA GLU C 50 -5.13 -25.09 -18.84
C GLU C 50 -4.09 -26.15 -18.46
N THR C 51 -3.77 -27.02 -19.43
CA THR C 51 -2.78 -28.07 -19.22
C THR C 51 -1.72 -28.01 -20.31
N ALA C 52 -0.53 -28.53 -19.96
CA ALA C 52 0.58 -28.70 -20.86
C ALA C 52 1.50 -29.80 -20.33
N PHE C 53 2.48 -30.21 -21.16
CA PHE C 53 3.52 -31.13 -20.71
C PHE C 53 4.78 -30.32 -20.57
N LEU C 54 5.48 -30.46 -19.43
CA LEU C 54 6.73 -29.73 -19.25
C LEU C 54 7.78 -30.65 -18.64
N GLY C 55 9.05 -30.36 -18.87
CA GLY C 55 10.13 -31.11 -18.26
C GLY C 55 10.52 -30.55 -16.90
N PRO C 56 11.36 -31.29 -16.14
CA PRO C 56 11.57 -30.99 -14.72
C PRO C 56 12.34 -29.69 -14.52
N LYS C 57 13.07 -29.28 -15.57
CA LYS C 57 13.87 -28.06 -15.53
C LYS C 57 12.94 -26.85 -15.45
N ASP C 58 11.67 -27.07 -15.82
CA ASP C 58 10.75 -25.95 -15.99
C ASP C 58 9.84 -25.80 -14.78
N LEU C 59 10.09 -26.61 -13.74
CA LEU C 59 9.21 -26.73 -12.59
C LEU C 59 9.97 -26.39 -11.32
N PHE C 60 9.30 -25.66 -10.42
CA PHE C 60 9.90 -25.22 -9.16
C PHE C 60 8.95 -25.55 -8.02
N PRO C 61 9.34 -26.27 -6.94
CA PRO C 61 8.38 -26.58 -5.88
C PRO C 61 7.84 -25.31 -5.23
N TYR C 62 6.51 -25.33 -4.99
CA TYR C 62 5.71 -24.19 -4.55
C TYR C 62 6.28 -23.60 -3.27
N ASP C 63 6.60 -24.44 -2.28
CA ASP C 63 7.00 -23.90 -0.99
C ASP C 63 8.35 -23.22 -1.08
N LYS C 64 9.27 -23.82 -1.84
CA LYS C 64 10.65 -23.37 -1.93
C LYS C 64 10.78 -22.11 -2.77
N SER C 65 9.82 -21.85 -3.68
CA SER C 65 10.06 -20.80 -4.66
C SER C 65 9.01 -19.69 -4.59
N LYS C 66 7.98 -19.87 -3.74
CA LYS C 66 6.91 -18.88 -3.74
C LYS C 66 7.42 -17.51 -3.32
N ASP C 67 8.45 -17.46 -2.46
CA ASP C 67 9.00 -16.17 -2.07
C ASP C 67 9.40 -15.38 -3.30
N LYS C 68 9.87 -16.10 -4.32
CA LYS C 68 10.35 -15.50 -5.54
C LYS C 68 9.27 -15.35 -6.64
N TYR C 69 8.44 -16.37 -6.86
CA TYR C 69 7.54 -16.33 -8.02
C TYR C 69 6.11 -16.01 -7.59
N GLY C 70 5.84 -16.10 -6.29
CA GLY C 70 4.46 -15.95 -5.86
C GLY C 70 4.17 -14.49 -5.56
N LYS C 71 4.09 -13.72 -6.64
CA LYS C 71 3.82 -12.29 -6.51
C LYS C 71 2.91 -11.95 -7.66
N PRO C 72 2.03 -10.95 -7.51
CA PRO C 72 1.03 -10.72 -8.56
C PRO C 72 1.60 -10.29 -9.90
N ASN C 73 0.84 -10.55 -10.93
CA ASN C 73 1.09 -9.78 -12.14
C ASN C 73 -0.20 -9.81 -12.95
N LYS C 74 -0.18 -9.03 -14.03
CA LYS C 74 -1.44 -8.70 -14.68
C LYS C 74 -1.79 -9.68 -15.78
N ARG C 75 -0.95 -10.70 -16.01
CA ARG C 75 -1.34 -11.66 -17.04
C ARG C 75 -2.66 -12.36 -16.73
N LYS C 76 -3.39 -12.66 -17.82
CA LYS C 76 -4.73 -13.21 -17.71
C LYS C 76 -4.74 -14.46 -16.83
N GLY C 77 -5.50 -14.36 -15.73
CA GLY C 77 -5.80 -15.53 -14.93
C GLY C 77 -4.75 -15.74 -13.83
N PHE C 78 -3.69 -14.96 -13.80
CA PHE C 78 -2.55 -15.25 -12.94
C PHE C 78 -2.93 -15.09 -11.47
N ASN C 79 -3.61 -13.98 -11.17
CA ASN C 79 -3.80 -13.68 -9.76
C ASN C 79 -4.85 -14.59 -9.16
N GLU C 80 -5.84 -14.94 -9.98
CA GLU C 80 -6.77 -15.97 -9.54
C GLU C 80 -6.00 -17.27 -9.32
N GLY C 81 -5.01 -17.57 -10.21
CA GLY C 81 -4.14 -18.72 -9.98
C GLY C 81 -3.47 -18.71 -8.61
N LEU C 82 -2.89 -17.55 -8.25
CA LEU C 82 -2.24 -17.41 -6.96
C LEU C 82 -3.23 -17.68 -5.82
N TRP C 83 -4.47 -17.24 -5.99
CA TRP C 83 -5.45 -17.48 -4.93
C TRP C 83 -5.69 -18.99 -4.79
N GLU C 84 -5.77 -19.68 -5.95
CA GLU C 84 -6.11 -21.11 -5.94
C GLU C 84 -5.01 -21.95 -5.31
N ILE C 85 -3.75 -21.61 -5.58
CA ILE C 85 -2.63 -22.42 -5.14
C ILE C 85 -2.41 -22.33 -3.62
N GLN C 86 -2.73 -21.16 -3.07
CA GLN C 86 -2.65 -20.94 -1.63
C GLN C 86 -3.89 -21.42 -0.88
N ASN C 87 -5.07 -21.32 -1.47
CA ASN C 87 -6.33 -21.43 -0.75
C ASN C 87 -7.20 -22.61 -1.18
N ASN C 88 -6.97 -23.19 -2.38
CA ASN C 88 -7.86 -24.26 -2.84
C ASN C 88 -7.14 -25.14 -3.86
N PRO C 89 -5.92 -25.64 -3.53
CA PRO C 89 -5.00 -26.22 -4.51
C PRO C 89 -5.38 -27.58 -5.09
N HIS C 90 -6.41 -28.21 -4.50
CA HIS C 90 -6.83 -29.54 -4.92
C HIS C 90 -8.32 -29.60 -5.23
N ALA C 91 -8.95 -28.45 -5.55
CA ALA C 91 -10.28 -28.45 -6.14
C ALA C 91 -10.17 -28.94 -7.59
N SER C 92 -11.33 -29.20 -8.20
CA SER C 92 -11.42 -29.88 -9.50
C SER C 92 -11.12 -28.94 -10.66
N TYR C 93 -11.80 -27.78 -10.67
CA TYR C 93 -11.70 -26.78 -11.73
C TYR C 93 -12.01 -27.43 -13.10
S SO4 D . -14.33 -3.87 -14.02
O1 SO4 D . -13.62 -2.68 -14.42
O2 SO4 D . -14.31 -3.99 -12.57
O3 SO4 D . -15.69 -3.79 -14.48
O4 SO4 D . -13.70 -5.02 -14.60
S SO4 E . -24.49 -3.48 -4.13
O1 SO4 E . -24.43 -2.12 -3.71
O2 SO4 E . -25.05 -4.29 -3.09
O3 SO4 E . -25.32 -3.58 -5.31
O4 SO4 E . -23.17 -3.95 -4.46
C1 EDO F . -0.24 2.47 0.29
O1 EDO F . 1.06 2.25 0.81
C2 EDO F . -0.95 3.67 0.89
O2 EDO F . -1.45 3.38 2.18
S SO4 G . -6.83 -9.04 -10.63
O1 SO4 G . -5.88 -8.31 -9.94
O2 SO4 G . -7.38 -8.19 -11.68
O3 SO4 G . -6.22 -10.22 -11.24
O4 SO4 G . -7.89 -9.43 -9.74
S SO4 H . -4.53 19.35 13.18
O1 SO4 H . -3.29 20.10 13.14
O2 SO4 H . -5.62 20.13 12.69
O3 SO4 H . -4.46 18.14 12.36
O4 SO4 H . -4.73 18.99 14.57
S SO4 I . 1.74 22.01 -5.41
O1 SO4 I . 3.08 21.53 -5.15
O2 SO4 I . 1.74 22.70 -6.68
O3 SO4 I . 0.85 20.89 -5.47
O4 SO4 I . 1.33 22.91 -4.38
N1 A1AJ5 J . 5.61 16.26 4.60
N3 A1AJ5 J . 5.46 14.13 4.75
C4 A1AJ5 J . 5.24 17.61 4.86
C5 A1AJ5 J . 4.17 17.88 5.70
C6 A1AJ5 J . 3.88 19.18 6.04
C7 A1AJ5 J . 4.65 20.22 5.56
C8 A1AJ5 J . 5.71 19.95 4.72
N A1AJ5 J . 8.90 13.75 3.41
C1 A1AJ5 J . 7.49 13.36 3.46
C A1AJ5 J . 7.31 12.12 4.34
C2 A1AJ5 J . 6.57 14.42 4.00
N2 A1AJ5 J . 4.89 15.25 5.11
C3 A1AJ5 J . 6.67 15.78 3.89
C9 A1AJ5 J . 6.00 18.65 4.37
C1 EDO K . -0.63 -19.42 -19.04
O1 EDO K . -1.67 -18.61 -19.60
C2 EDO K . -1.07 -20.51 -18.09
O2 EDO K . -2.07 -21.35 -18.65
S SO4 L . 12.05 -16.34 -21.54
O1 SO4 L . 13.00 -15.81 -20.59
O2 SO4 L . 10.71 -16.02 -21.13
O3 SO4 L . 12.29 -15.73 -22.83
O4 SO4 L . 12.20 -17.76 -21.63
#